data_1WOM
#
_entry.id   1WOM
#
_cell.length_a   77.508
_cell.length_b   82.404
_cell.length_c   137.359
_cell.angle_alpha   90.00
_cell.angle_beta   90.00
_cell.angle_gamma   90.00
#
_symmetry.space_group_name_H-M   'P 21 21 21'
#
loop_
_entity.id
_entity.type
_entity.pdbx_description
1 polymer 'Sigma factor sigB regulation protein rsbQ'
2 non-polymer 'MALONIC ACID'
3 non-polymer S-1,2-PROPANEDIOL
4 water water
#
_entity_poly.entity_id   1
_entity_poly.type   'polypeptide(L)'
_entity_poly.pdbx_seq_one_letter_code
;AGHMTSILSRNHVKVKGSGKASIMFAPGFGCDQSVWNAVAPAFEEDHRVILFDYVGSGHSDLRAYDLNRYQTLDGYAQDV
LDVCEALDLKETVFVGHSVGALIGMLASIRRPELFSHLVMVGPSPCYLNDPPEYYGGFEEEQLLGLLEMMEKNYIGWATV
FAATVLNQPDRPEIKEELESRFCSTDPVIARQFAKAAFFSDHREDLSKVTVPSLILQCADDIIAPATVGKYMHQHLPYSS
LKQMEARGHCPHMSHPDETIQLIGDYLKAHV
;
_entity_poly.pdbx_strand_id   A,B
#
# COMPACT_ATOMS: atom_id res chain seq x y z
N ALA A 1 -23.33 -16.58 -36.30
CA ALA A 1 -23.82 -17.94 -36.65
C ALA A 1 -24.32 -18.61 -35.38
N GLY A 2 -25.63 -18.68 -35.22
CA GLY A 2 -26.20 -19.25 -34.01
C GLY A 2 -25.65 -18.39 -32.90
N HIS A 3 -26.16 -17.17 -32.79
CA HIS A 3 -25.67 -16.23 -31.79
C HIS A 3 -25.91 -16.52 -30.31
N MET A 4 -27.06 -17.08 -29.96
CA MET A 4 -27.30 -17.37 -28.55
C MET A 4 -26.21 -18.32 -28.04
N THR A 5 -25.94 -19.40 -28.77
CA THR A 5 -24.91 -20.36 -28.35
C THR A 5 -23.49 -19.80 -28.39
N SER A 6 -23.24 -18.92 -29.35
CA SER A 6 -21.93 -18.30 -29.50
C SER A 6 -21.63 -17.40 -28.30
N ILE A 7 -22.66 -16.74 -27.79
CA ILE A 7 -22.51 -15.86 -26.62
C ILE A 7 -22.31 -16.74 -25.38
N LEU A 8 -23.17 -17.74 -25.26
CA LEU A 8 -23.08 -18.69 -24.16
C LEU A 8 -21.68 -19.34 -24.11
N SER A 9 -21.07 -19.55 -25.28
CA SER A 9 -19.75 -20.15 -25.34
C SER A 9 -18.65 -19.13 -25.00
N ARG A 10 -18.69 -17.96 -25.65
CA ARG A 10 -17.69 -16.92 -25.39
C ARG A 10 -17.61 -16.55 -23.91
N ASN A 11 -18.76 -16.46 -23.24
CA ASN A 11 -18.78 -16.08 -21.83
C ASN A 11 -18.93 -17.24 -20.84
N HIS A 12 -18.76 -18.47 -21.31
CA HIS A 12 -18.86 -19.66 -20.45
C HIS A 12 -20.08 -19.57 -19.55
N VAL A 13 -21.20 -19.20 -20.13
CA VAL A 13 -22.44 -19.03 -19.41
C VAL A 13 -23.03 -20.31 -18.87
N LYS A 14 -23.43 -20.26 -17.60
CA LYS A 14 -24.07 -21.39 -16.92
C LYS A 14 -25.20 -20.90 -16.03
N VAL A 15 -26.25 -21.70 -15.92
CA VAL A 15 -27.36 -21.34 -15.05
C VAL A 15 -27.61 -22.48 -14.08
N LYS A 16 -27.81 -22.14 -12.82
CA LYS A 16 -28.03 -23.12 -11.76
C LYS A 16 -29.18 -22.69 -10.87
N GLY A 17 -29.66 -23.63 -10.04
CA GLY A 17 -30.75 -23.34 -9.13
C GLY A 17 -32.07 -23.08 -9.84
N SER A 18 -33.04 -22.57 -9.09
CA SER A 18 -34.36 -22.27 -9.64
C SER A 18 -35.07 -21.29 -8.73
N GLY A 19 -35.94 -20.46 -9.30
CA GLY A 19 -36.66 -19.47 -8.51
C GLY A 19 -37.38 -18.48 -9.40
N LYS A 20 -38.13 -17.57 -8.79
CA LYS A 20 -38.87 -16.57 -9.57
C LYS A 20 -37.88 -15.53 -10.13
N ALA A 21 -36.86 -15.22 -9.35
CA ALA A 21 -35.84 -14.25 -9.75
C ALA A 21 -34.49 -14.92 -10.02
N SER A 22 -33.59 -14.18 -10.66
CA SER A 22 -32.25 -14.70 -10.95
C SER A 22 -31.19 -13.74 -10.44
N ILE A 23 -30.02 -14.28 -10.15
CA ILE A 23 -28.91 -13.49 -9.68
C ILE A 23 -27.70 -13.77 -10.58
N MET A 24 -27.19 -12.72 -11.24
CA MET A 24 -26.04 -12.86 -12.11
C MET A 24 -24.81 -12.46 -11.32
N PHE A 25 -23.79 -13.31 -11.29
CA PHE A 25 -22.55 -13.00 -10.55
C PHE A 25 -21.46 -12.64 -11.56
N ALA A 26 -20.80 -11.52 -11.34
CA ALA A 26 -19.75 -11.06 -12.24
C ALA A 26 -18.43 -10.94 -11.50
N PRO A 27 -17.39 -11.65 -11.97
CA PRO A 27 -16.05 -11.67 -11.40
C PRO A 27 -15.37 -10.31 -11.40
N GLY A 28 -14.31 -10.19 -10.61
CA GLY A 28 -13.53 -8.96 -10.57
C GLY A 28 -12.39 -9.14 -11.57
N PHE A 29 -11.47 -8.19 -11.63
CA PHE A 29 -10.35 -8.28 -12.56
C PHE A 29 -9.50 -9.52 -12.30
N GLY A 30 -9.09 -10.19 -13.38
CA GLY A 30 -8.26 -11.37 -13.29
C GLY A 30 -8.93 -12.62 -12.76
N CYS A 31 -10.26 -12.60 -12.63
CA CYS A 31 -10.97 -13.77 -12.12
C CYS A 31 -11.98 -14.38 -13.07
N ASP A 32 -12.18 -15.69 -12.94
CA ASP A 32 -13.16 -16.39 -13.76
C ASP A 32 -14.31 -16.70 -12.82
N GLN A 33 -15.40 -17.24 -13.35
CA GLN A 33 -16.57 -17.51 -12.54
C GLN A 33 -16.33 -18.35 -11.28
N SER A 34 -15.29 -19.17 -11.25
CA SER A 34 -15.04 -20.01 -10.08
C SER A 34 -14.72 -19.26 -8.78
N VAL A 35 -14.42 -17.96 -8.85
CA VAL A 35 -14.14 -17.23 -7.60
C VAL A 35 -15.42 -17.13 -6.80
N TRP A 36 -16.54 -17.37 -7.45
CA TRP A 36 -17.83 -17.32 -6.78
C TRP A 36 -18.24 -18.65 -6.12
N ASN A 37 -17.41 -19.69 -6.29
CA ASN A 37 -17.68 -21.02 -5.73
C ASN A 37 -18.14 -21.08 -4.27
N ALA A 38 -17.59 -20.23 -3.42
CA ALA A 38 -17.92 -20.24 -1.99
C ALA A 38 -19.18 -19.45 -1.63
N VAL A 39 -19.64 -18.60 -2.54
CA VAL A 39 -20.81 -17.76 -2.29
C VAL A 39 -22.05 -18.11 -3.09
N ALA A 40 -21.93 -18.08 -4.42
CA ALA A 40 -23.02 -18.33 -5.34
C ALA A 40 -23.91 -19.56 -5.10
N PRO A 41 -23.31 -20.73 -4.82
CA PRO A 41 -24.16 -21.90 -4.59
C PRO A 41 -25.15 -21.79 -3.42
N ALA A 42 -24.95 -20.81 -2.54
CA ALA A 42 -25.86 -20.61 -1.43
C ALA A 42 -27.20 -20.04 -1.90
N PHE A 43 -27.25 -19.56 -3.14
CA PHE A 43 -28.48 -18.96 -3.67
C PHE A 43 -29.23 -19.79 -4.70
N GLU A 44 -28.71 -20.98 -5.02
CA GLU A 44 -29.35 -21.85 -6.00
C GLU A 44 -30.70 -22.36 -5.52
N GLU A 45 -30.82 -22.49 -4.20
CA GLU A 45 -32.05 -22.95 -3.57
C GLU A 45 -33.24 -22.11 -3.97
N ASP A 46 -33.13 -20.80 -3.83
CA ASP A 46 -34.23 -19.91 -4.15
C ASP A 46 -34.15 -19.11 -5.45
N HIS A 47 -33.01 -19.15 -6.13
CA HIS A 47 -32.89 -18.39 -7.37
C HIS A 47 -32.13 -19.15 -8.45
N ARG A 48 -32.40 -18.76 -9.69
CA ARG A 48 -31.65 -19.30 -10.82
C ARG A 48 -30.37 -18.47 -10.65
N VAL A 49 -29.22 -19.13 -10.68
CA VAL A 49 -27.95 -18.43 -10.52
C VAL A 49 -27.21 -18.43 -11.83
N ILE A 50 -26.77 -17.24 -12.26
CA ILE A 50 -26.06 -17.12 -13.53
C ILE A 50 -24.60 -16.76 -13.32
N LEU A 51 -23.72 -17.57 -13.90
CA LEU A 51 -22.28 -17.39 -13.81
C LEU A 51 -21.73 -17.21 -15.23
N PHE A 52 -20.65 -16.46 -15.38
CA PHE A 52 -20.07 -16.23 -16.70
C PHE A 52 -18.66 -15.69 -16.58
N ASP A 53 -17.91 -15.79 -17.67
CA ASP A 53 -16.54 -15.30 -17.70
C ASP A 53 -16.41 -14.15 -18.67
N TYR A 54 -15.42 -13.30 -18.40
CA TYR A 54 -15.10 -12.21 -19.31
C TYR A 54 -14.12 -12.93 -20.24
N VAL A 55 -13.94 -12.39 -21.44
CA VAL A 55 -12.98 -12.96 -22.39
C VAL A 55 -11.57 -12.89 -21.80
N GLY A 56 -10.66 -13.74 -22.29
CA GLY A 56 -9.29 -13.71 -21.82
C GLY A 56 -8.88 -14.59 -20.64
N SER A 57 -9.71 -15.56 -20.29
CA SER A 57 -9.39 -16.41 -19.15
C SER A 57 -8.80 -17.78 -19.49
N GLY A 58 -7.47 -17.85 -19.40
CA GLY A 58 -6.73 -19.08 -19.67
C GLY A 58 -7.36 -20.17 -20.51
N HIS A 59 -8.37 -20.84 -19.96
CA HIS A 59 -9.05 -21.91 -20.68
C HIS A 59 -10.03 -21.33 -21.69
N SER A 60 -9.81 -20.08 -22.08
CA SER A 60 -10.66 -19.38 -23.04
C SER A 60 -10.22 -19.65 -24.48
N ASP A 61 -11.18 -19.89 -25.35
CA ASP A 61 -10.90 -20.15 -26.77
C ASP A 61 -10.06 -18.97 -27.28
N LEU A 62 -10.30 -17.80 -26.70
CA LEU A 62 -9.58 -16.57 -27.07
C LEU A 62 -9.87 -16.21 -28.52
N ARG A 63 -10.49 -17.13 -29.26
CA ARG A 63 -10.85 -16.88 -30.65
C ARG A 63 -12.13 -16.04 -30.64
N ALA A 64 -12.55 -15.64 -29.43
CA ALA A 64 -13.75 -14.84 -29.23
C ALA A 64 -13.34 -13.40 -28.86
N TYR A 65 -12.05 -13.22 -28.63
CA TYR A 65 -11.51 -11.91 -28.29
C TYR A 65 -11.49 -10.96 -29.48
N ASP A 66 -11.62 -9.67 -29.19
CA ASP A 66 -11.58 -8.63 -30.20
C ASP A 66 -10.84 -7.44 -29.60
N LEU A 67 -9.73 -7.07 -30.21
CA LEU A 67 -8.89 -5.97 -29.74
C LEU A 67 -9.65 -4.69 -29.32
N ASN A 68 -10.43 -4.13 -30.25
CA ASN A 68 -11.17 -2.90 -30.00
C ASN A 68 -12.27 -2.95 -28.96
N ARG A 69 -13.16 -3.94 -29.04
CA ARG A 69 -14.27 -4.01 -28.11
C ARG A 69 -13.89 -3.90 -26.64
N TYR A 70 -12.85 -4.62 -26.23
CA TYR A 70 -12.45 -4.59 -24.82
C TYR A 70 -11.40 -3.56 -24.44
N GLN A 71 -11.25 -2.54 -25.28
CA GLN A 71 -10.29 -1.47 -25.03
C GLN A 71 -10.82 -0.62 -23.85
N THR A 72 -12.14 -0.52 -23.73
CA THR A 72 -12.73 0.22 -22.60
C THR A 72 -13.71 -0.70 -21.86
N LEU A 73 -14.16 -0.27 -20.70
CA LEU A 73 -15.11 -1.08 -19.93
C LEU A 73 -16.44 -1.27 -20.65
N ASP A 74 -16.77 -0.40 -21.59
CA ASP A 74 -18.02 -0.53 -22.32
C ASP A 74 -18.11 -1.88 -23.00
N GLY A 75 -16.98 -2.35 -23.52
CA GLY A 75 -16.97 -3.64 -24.19
C GLY A 75 -17.37 -4.75 -23.22
N TYR A 76 -16.97 -4.58 -21.96
CA TYR A 76 -17.28 -5.53 -20.90
C TYR A 76 -18.76 -5.42 -20.53
N ALA A 77 -19.26 -4.19 -20.45
CA ALA A 77 -20.65 -3.96 -20.13
C ALA A 77 -21.48 -4.60 -21.24
N GLN A 78 -20.96 -4.56 -22.47
CA GLN A 78 -21.67 -5.16 -23.61
C GLN A 78 -21.77 -6.68 -23.48
N ASP A 79 -20.74 -7.32 -22.91
CA ASP A 79 -20.79 -8.77 -22.70
C ASP A 79 -21.93 -9.15 -21.75
N VAL A 80 -22.07 -8.38 -20.67
CA VAL A 80 -23.14 -8.60 -19.69
C VAL A 80 -24.49 -8.47 -20.38
N LEU A 81 -24.65 -7.43 -21.20
CA LEU A 81 -25.87 -7.20 -21.96
C LEU A 81 -26.11 -8.37 -22.92
N ASP A 82 -25.03 -8.83 -23.58
CA ASP A 82 -25.12 -9.95 -24.51
C ASP A 82 -25.63 -11.21 -23.80
N VAL A 83 -25.08 -11.50 -22.62
CA VAL A 83 -25.51 -12.67 -21.85
C VAL A 83 -26.97 -12.54 -21.46
N CYS A 84 -27.37 -11.37 -20.98
CA CYS A 84 -28.76 -11.16 -20.60
C CYS A 84 -29.72 -11.42 -21.77
N GLU A 85 -29.32 -11.02 -22.98
CA GLU A 85 -30.13 -11.21 -24.18
C GLU A 85 -30.17 -12.68 -24.60
N ALA A 86 -29.05 -13.37 -24.44
CA ALA A 86 -28.97 -14.77 -24.81
C ALA A 86 -29.84 -15.59 -23.86
N LEU A 87 -29.77 -15.27 -22.57
CA LEU A 87 -30.56 -15.97 -21.57
C LEU A 87 -32.03 -15.56 -21.65
N ASP A 88 -32.31 -14.58 -22.51
CA ASP A 88 -33.68 -14.11 -22.72
C ASP A 88 -34.33 -13.61 -21.43
N LEU A 89 -33.54 -12.98 -20.56
CA LEU A 89 -34.03 -12.46 -19.30
C LEU A 89 -34.82 -11.16 -19.47
N LYS A 90 -35.79 -10.94 -18.59
CA LYS A 90 -36.56 -9.71 -18.63
C LYS A 90 -35.98 -8.80 -17.55
N GLU A 91 -35.45 -9.44 -16.50
CA GLU A 91 -34.88 -8.72 -15.38
C GLU A 91 -34.00 -9.66 -14.53
N THR A 92 -33.03 -9.11 -13.81
CA THR A 92 -32.17 -9.92 -12.95
C THR A 92 -31.44 -9.11 -11.89
N VAL A 93 -31.11 -9.78 -10.79
CA VAL A 93 -30.33 -9.16 -9.74
C VAL A 93 -28.90 -9.29 -10.30
N PHE A 94 -28.05 -8.33 -10.01
CA PHE A 94 -26.69 -8.38 -10.50
C PHE A 94 -25.72 -8.21 -9.34
N VAL A 95 -24.87 -9.21 -9.11
CA VAL A 95 -23.88 -9.14 -8.05
C VAL A 95 -22.50 -9.08 -8.69
N GLY A 96 -21.80 -7.97 -8.51
CA GLY A 96 -20.49 -7.85 -9.11
C GLY A 96 -19.42 -7.53 -8.10
N HIS A 97 -18.22 -8.08 -8.32
CA HIS A 97 -17.10 -7.82 -7.42
C HIS A 97 -16.13 -6.82 -8.04
N SER A 98 -15.75 -5.80 -7.28
CA SER A 98 -14.78 -4.82 -7.74
C SER A 98 -15.17 -4.22 -9.09
N VAL A 99 -14.26 -4.27 -10.07
CA VAL A 99 -14.57 -3.70 -11.36
C VAL A 99 -15.83 -4.33 -11.96
N GLY A 100 -16.16 -5.54 -11.52
CA GLY A 100 -17.37 -6.19 -12.01
C GLY A 100 -18.62 -5.42 -11.59
N ALA A 101 -18.57 -4.77 -10.43
CA ALA A 101 -19.71 -3.98 -9.97
C ALA A 101 -19.95 -2.79 -10.93
N LEU A 102 -18.86 -2.14 -11.34
CA LEU A 102 -18.92 -0.99 -12.24
C LEU A 102 -19.35 -1.36 -13.64
N ILE A 103 -18.92 -2.54 -14.08
CA ILE A 103 -19.26 -3.04 -15.39
C ILE A 103 -20.78 -3.22 -15.38
N GLY A 104 -21.27 -3.80 -14.28
CA GLY A 104 -22.70 -4.00 -14.14
C GLY A 104 -23.41 -2.65 -14.10
N MET A 105 -22.82 -1.70 -13.41
CA MET A 105 -23.41 -0.38 -13.30
C MET A 105 -23.56 0.27 -14.67
N LEU A 106 -22.51 0.20 -15.48
CA LEU A 106 -22.54 0.77 -16.83
C LEU A 106 -23.62 0.15 -17.67
N ALA A 107 -23.73 -1.17 -17.66
CA ALA A 107 -24.77 -1.84 -18.43
C ALA A 107 -26.17 -1.44 -17.93
N SER A 108 -26.28 -1.15 -16.63
CA SER A 108 -27.58 -0.77 -16.09
C SER A 108 -28.00 0.62 -16.56
N ILE A 109 -27.03 1.48 -16.84
CA ILE A 109 -27.34 2.81 -17.31
C ILE A 109 -27.83 2.74 -18.76
N ARG A 110 -27.33 1.74 -19.47
CA ARG A 110 -27.69 1.55 -20.86
C ARG A 110 -29.04 0.83 -20.96
N ARG A 111 -29.24 -0.14 -20.08
CA ARG A 111 -30.47 -0.93 -20.06
C ARG A 111 -30.97 -1.10 -18.62
N PRO A 112 -31.45 -0.02 -17.99
CA PRO A 112 -31.94 -0.11 -16.61
C PRO A 112 -33.07 -1.13 -16.37
N GLU A 113 -33.99 -1.26 -17.33
CA GLU A 113 -35.12 -2.19 -17.16
C GLU A 113 -34.69 -3.64 -17.02
N LEU A 114 -33.43 -3.92 -17.33
CA LEU A 114 -32.87 -5.27 -17.27
C LEU A 114 -32.38 -5.64 -15.88
N PHE A 115 -32.19 -4.65 -15.01
CA PHE A 115 -31.70 -4.94 -13.68
C PHE A 115 -32.59 -4.49 -12.53
N SER A 116 -32.96 -5.44 -11.67
CA SER A 116 -33.79 -5.15 -10.50
C SER A 116 -32.91 -4.52 -9.42
N HIS A 117 -31.80 -5.17 -9.11
CA HIS A 117 -30.89 -4.64 -8.09
C HIS A 117 -29.42 -4.77 -8.51
N LEU A 118 -28.58 -3.90 -7.94
CA LEU A 118 -27.16 -3.90 -8.20
C LEU A 118 -26.43 -4.13 -6.87
N VAL A 119 -25.94 -5.34 -6.64
CA VAL A 119 -25.20 -5.61 -5.41
C VAL A 119 -23.72 -5.46 -5.74
N MET A 120 -23.09 -4.43 -5.19
CA MET A 120 -21.68 -4.17 -5.47
C MET A 120 -20.75 -4.55 -4.31
N VAL A 121 -19.87 -5.52 -4.57
CA VAL A 121 -18.93 -5.96 -3.54
C VAL A 121 -17.56 -5.30 -3.76
N GLY A 122 -17.25 -4.27 -2.98
CA GLY A 122 -15.98 -3.58 -3.10
C GLY A 122 -15.84 -2.73 -4.36
N PRO A 123 -16.84 -1.90 -4.69
CA PRO A 123 -16.74 -1.07 -5.90
C PRO A 123 -15.90 0.21 -5.73
N SER A 124 -15.49 0.77 -6.86
CA SER A 124 -14.78 2.03 -6.87
C SER A 124 -15.12 2.69 -8.20
N PRO A 125 -15.45 3.99 -8.17
CA PRO A 125 -15.78 4.67 -9.41
C PRO A 125 -14.55 5.32 -10.00
N CYS A 126 -13.45 5.28 -9.26
CA CYS A 126 -12.20 5.91 -9.68
C CYS A 126 -11.10 5.59 -8.67
N TYR A 127 -9.98 5.03 -9.13
CA TYR A 127 -8.88 4.68 -8.21
C TYR A 127 -7.88 5.82 -7.98
N LEU A 128 -8.05 6.94 -8.67
CA LEU A 128 -7.15 8.09 -8.53
C LEU A 128 -7.49 9.03 -7.37
N ASN A 129 -6.47 9.51 -6.67
CA ASN A 129 -6.62 10.46 -5.57
C ASN A 129 -6.96 11.80 -6.21
N ASP A 130 -7.94 12.50 -5.66
CA ASP A 130 -8.32 13.81 -6.18
C ASP A 130 -8.68 14.76 -5.04
N PRO A 131 -7.74 15.02 -4.11
CA PRO A 131 -8.04 15.92 -3.00
C PRO A 131 -8.39 17.31 -3.53
N PRO A 132 -9.24 18.04 -2.81
CA PRO A 132 -9.88 17.62 -1.55
C PRO A 132 -11.21 16.85 -1.66
N GLU A 133 -11.80 16.85 -2.86
CA GLU A 133 -13.09 16.17 -3.05
C GLU A 133 -13.09 14.65 -3.02
N TYR A 134 -12.11 14.02 -3.65
CA TYR A 134 -12.09 12.57 -3.75
C TYR A 134 -10.74 11.88 -3.49
N TYR A 135 -10.79 10.77 -2.77
CA TYR A 135 -9.57 10.01 -2.44
C TYR A 135 -9.67 8.58 -2.94
N GLY A 136 -9.31 8.37 -4.21
CA GLY A 136 -9.38 7.03 -4.80
C GLY A 136 -8.44 6.03 -4.16
N GLY A 137 -7.32 6.52 -3.63
CA GLY A 137 -6.36 5.65 -2.99
C GLY A 137 -5.05 5.47 -3.74
N PHE A 138 -4.95 6.03 -4.95
CA PHE A 138 -3.72 5.88 -5.72
C PHE A 138 -3.32 7.13 -6.49
N GLU A 139 -2.01 7.31 -6.61
CA GLU A 139 -1.45 8.41 -7.35
C GLU A 139 -1.33 7.84 -8.76
N GLU A 140 -1.51 8.68 -9.77
CA GLU A 140 -1.40 8.22 -11.14
C GLU A 140 -0.11 7.41 -11.32
N GLU A 141 1.00 7.91 -10.76
CA GLU A 141 2.29 7.25 -10.87
C GLU A 141 2.30 5.84 -10.27
N GLN A 142 1.48 5.62 -9.25
CA GLN A 142 1.42 4.30 -8.63
C GLN A 142 0.75 3.32 -9.61
N LEU A 143 -0.34 3.75 -10.22
CA LEU A 143 -1.04 2.90 -11.18
C LEU A 143 -0.18 2.71 -12.42
N LEU A 144 0.46 3.78 -12.86
CA LEU A 144 1.34 3.74 -14.03
C LEU A 144 2.49 2.77 -13.73
N GLY A 145 2.93 2.75 -12.48
CA GLY A 145 4.00 1.88 -12.06
C GLY A 145 3.61 0.41 -12.18
N LEU A 146 2.45 0.06 -11.63
CA LEU A 146 1.99 -1.33 -11.71
C LEU A 146 1.77 -1.76 -13.16
N LEU A 147 1.29 -0.84 -14.00
CA LEU A 147 1.06 -1.15 -15.41
C LEU A 147 2.38 -1.53 -16.06
N GLU A 148 3.40 -0.72 -15.77
CA GLU A 148 4.73 -0.94 -16.30
C GLU A 148 5.24 -2.31 -15.82
N MET A 149 5.12 -2.56 -14.52
CA MET A 149 5.57 -3.84 -13.99
C MET A 149 4.81 -5.01 -14.60
N MET A 150 3.57 -4.77 -15.00
CA MET A 150 2.76 -5.81 -15.60
C MET A 150 3.41 -6.21 -16.92
N GLU A 151 3.94 -5.22 -17.63
CA GLU A 151 4.58 -5.48 -18.91
C GLU A 151 5.96 -6.11 -18.78
N LYS A 152 6.81 -5.52 -17.94
CA LYS A 152 8.17 -6.01 -17.76
C LYS A 152 8.28 -7.37 -17.05
N ASN A 153 7.62 -7.51 -15.90
CA ASN A 153 7.68 -8.75 -15.13
C ASN A 153 6.29 -9.20 -14.66
N TYR A 154 5.49 -9.70 -15.59
CA TYR A 154 4.13 -10.15 -15.32
C TYR A 154 4.00 -11.07 -14.11
N ILE A 155 4.77 -12.15 -14.08
CA ILE A 155 4.74 -13.09 -12.96
C ILE A 155 5.00 -12.32 -11.66
N GLY A 156 5.97 -11.41 -11.72
CA GLY A 156 6.32 -10.62 -10.54
C GLY A 156 5.15 -9.75 -10.13
N TRP A 157 4.50 -9.14 -11.12
CA TRP A 157 3.37 -8.29 -10.85
C TRP A 157 2.25 -9.12 -10.24
N ALA A 158 2.06 -10.33 -10.76
CA ALA A 158 0.99 -11.20 -10.26
C ALA A 158 1.07 -11.41 -8.75
N THR A 159 2.26 -11.73 -8.26
CA THR A 159 2.44 -11.97 -6.84
C THR A 159 2.40 -10.68 -6.00
N VAL A 160 2.83 -9.56 -6.57
CA VAL A 160 2.80 -8.29 -5.85
C VAL A 160 1.37 -7.79 -5.71
N PHE A 161 0.65 -7.78 -6.83
CA PHE A 161 -0.73 -7.31 -6.85
C PHE A 161 -1.64 -8.21 -6.01
N ALA A 162 -1.39 -9.52 -6.05
CA ALA A 162 -2.21 -10.43 -5.27
C ALA A 162 -2.07 -10.13 -3.78
N ALA A 163 -0.84 -9.87 -3.35
CA ALA A 163 -0.60 -9.55 -1.94
C ALA A 163 -1.35 -8.27 -1.56
N THR A 164 -1.31 -7.29 -2.45
CA THR A 164 -1.95 -6.00 -2.23
C THR A 164 -3.46 -6.05 -2.07
N VAL A 165 -4.15 -6.70 -3.02
CA VAL A 165 -5.61 -6.72 -2.94
C VAL A 165 -6.11 -7.49 -1.73
N LEU A 166 -5.42 -8.56 -1.35
CA LEU A 166 -5.85 -9.35 -0.20
C LEU A 166 -5.56 -8.65 1.13
N ASN A 167 -4.42 -7.97 1.21
CA ASN A 167 -4.02 -7.25 2.42
C ASN A 167 -4.18 -8.10 3.68
N GLN A 168 -3.84 -9.39 3.55
CA GLN A 168 -3.93 -10.34 4.65
C GLN A 168 -2.74 -11.28 4.64
N PRO A 169 -1.63 -10.88 5.26
CA PRO A 169 -0.41 -11.70 5.32
C PRO A 169 -0.59 -13.04 6.03
N ASP A 170 -1.60 -13.13 6.88
CA ASP A 170 -1.88 -14.36 7.61
C ASP A 170 -2.91 -15.23 6.91
N ARG A 171 -2.97 -15.14 5.58
CA ARG A 171 -3.93 -15.91 4.80
C ARG A 171 -3.33 -16.28 3.44
N PRO A 172 -2.13 -16.89 3.45
CA PRO A 172 -1.38 -17.32 2.26
C PRO A 172 -2.10 -18.16 1.21
N GLU A 173 -3.03 -19.01 1.64
CA GLU A 173 -3.73 -19.88 0.71
C GLU A 173 -4.61 -19.11 -0.29
N ILE A 174 -5.37 -18.14 0.19
CA ILE A 174 -6.22 -17.33 -0.69
C ILE A 174 -5.26 -16.50 -1.56
N LYS A 175 -4.16 -16.09 -0.95
CA LYS A 175 -3.12 -15.30 -1.60
C LYS A 175 -2.51 -16.04 -2.80
N GLU A 176 -2.12 -17.29 -2.59
CA GLU A 176 -1.53 -18.09 -3.66
C GLU A 176 -2.55 -18.38 -4.74
N GLU A 177 -3.82 -18.44 -4.35
CA GLU A 177 -4.87 -18.72 -5.30
C GLU A 177 -5.06 -17.55 -6.26
N LEU A 178 -5.18 -16.35 -5.72
CA LEU A 178 -5.36 -15.16 -6.54
C LEU A 178 -4.16 -15.02 -7.48
N GLU A 179 -2.99 -15.29 -6.93
CA GLU A 179 -1.75 -15.19 -7.69
C GLU A 179 -1.78 -16.13 -8.90
N SER A 180 -2.23 -17.36 -8.67
CA SER A 180 -2.32 -18.35 -9.73
C SER A 180 -3.33 -17.87 -10.78
N ARG A 181 -4.47 -17.37 -10.32
CA ARG A 181 -5.50 -16.87 -11.22
C ARG A 181 -4.92 -15.76 -12.10
N PHE A 182 -4.11 -14.89 -11.51
CA PHE A 182 -3.50 -13.81 -12.27
C PHE A 182 -2.48 -14.33 -13.28
N CYS A 183 -1.75 -15.39 -12.91
CA CYS A 183 -0.75 -15.96 -13.79
C CYS A 183 -1.39 -16.76 -14.91
N SER A 184 -2.60 -17.24 -14.67
CA SER A 184 -3.32 -18.03 -15.65
C SER A 184 -4.04 -17.21 -16.70
N THR A 185 -4.17 -15.91 -16.46
CA THR A 185 -4.89 -15.04 -17.38
C THR A 185 -3.98 -14.48 -18.48
N ASP A 186 -4.47 -14.46 -19.73
CA ASP A 186 -3.70 -13.93 -20.85
C ASP A 186 -3.14 -12.57 -20.45
N PRO A 187 -1.79 -12.40 -20.49
CA PRO A 187 -1.16 -11.13 -20.11
C PRO A 187 -1.49 -9.92 -20.99
N VAL A 188 -1.63 -10.13 -22.29
CA VAL A 188 -1.93 -9.00 -23.16
C VAL A 188 -3.33 -8.46 -22.86
N ILE A 189 -4.28 -9.37 -22.73
CA ILE A 189 -5.64 -8.99 -22.44
C ILE A 189 -5.74 -8.43 -21.01
N ALA A 190 -5.04 -9.05 -20.07
CA ALA A 190 -5.07 -8.59 -18.69
C ALA A 190 -4.61 -7.13 -18.59
N ARG A 191 -3.55 -6.80 -19.30
CA ARG A 191 -3.03 -5.43 -19.28
C ARG A 191 -4.04 -4.45 -19.86
N GLN A 192 -4.74 -4.85 -20.91
CA GLN A 192 -5.74 -3.99 -21.53
C GLN A 192 -6.87 -3.78 -20.51
N PHE A 193 -7.20 -4.84 -19.79
CA PHE A 193 -8.27 -4.84 -18.79
C PHE A 193 -7.89 -3.94 -17.62
N ALA A 194 -6.67 -4.11 -17.12
CA ALA A 194 -6.20 -3.31 -16.01
C ALA A 194 -6.22 -1.83 -16.37
N LYS A 195 -5.66 -1.51 -17.53
CA LYS A 195 -5.62 -0.11 -17.96
C LYS A 195 -7.05 0.46 -18.01
N ALA A 196 -7.95 -0.25 -18.69
CA ALA A 196 -9.33 0.20 -18.80
C ALA A 196 -10.04 0.34 -17.45
N ALA A 197 -9.67 -0.50 -16.49
CA ALA A 197 -10.30 -0.47 -15.20
C ALA A 197 -9.73 0.53 -14.22
N PHE A 198 -8.41 0.52 -14.06
CA PHE A 198 -7.78 1.41 -13.11
C PHE A 198 -7.58 2.87 -13.52
N PHE A 199 -7.87 3.21 -14.76
CA PHE A 199 -7.72 4.60 -15.19
C PHE A 199 -9.04 5.25 -15.55
N SER A 200 -10.11 4.46 -15.49
CA SER A 200 -11.43 5.00 -15.80
C SER A 200 -11.91 5.85 -14.63
N ASP A 201 -12.87 6.72 -14.91
CA ASP A 201 -13.45 7.58 -13.89
C ASP A 201 -14.95 7.64 -14.16
N HIS A 202 -15.72 7.02 -13.28
CA HIS A 202 -17.16 6.97 -13.44
C HIS A 202 -17.91 7.85 -12.46
N ARG A 203 -17.17 8.69 -11.73
CA ARG A 203 -17.83 9.57 -10.77
C ARG A 203 -19.00 10.36 -11.37
N GLU A 204 -18.86 10.85 -12.60
CA GLU A 204 -19.93 11.61 -13.24
C GLU A 204 -21.11 10.72 -13.65
N ASP A 205 -20.91 9.41 -13.63
CA ASP A 205 -21.98 8.51 -14.04
C ASP A 205 -22.84 8.02 -12.90
N LEU A 206 -22.33 8.14 -11.67
CA LEU A 206 -23.08 7.70 -10.51
C LEU A 206 -24.50 8.26 -10.50
N SER A 207 -24.62 9.56 -10.71
CA SER A 207 -25.92 10.22 -10.72
C SER A 207 -26.90 9.66 -11.75
N LYS A 208 -26.39 8.91 -12.73
CA LYS A 208 -27.25 8.36 -13.78
C LYS A 208 -27.88 7.02 -13.44
N VAL A 209 -27.36 6.36 -12.42
CA VAL A 209 -27.89 5.05 -12.01
C VAL A 209 -29.30 5.14 -11.44
N THR A 210 -30.24 4.43 -12.07
CA THR A 210 -31.61 4.46 -11.60
C THR A 210 -32.04 3.15 -10.98
N VAL A 211 -31.13 2.18 -10.98
CA VAL A 211 -31.42 0.88 -10.40
C VAL A 211 -30.93 0.89 -8.95
N PRO A 212 -31.73 0.33 -8.02
CA PRO A 212 -31.36 0.29 -6.59
C PRO A 212 -30.00 -0.39 -6.43
N SER A 213 -29.15 0.15 -5.55
CA SER A 213 -27.83 -0.42 -5.37
C SER A 213 -27.39 -0.59 -3.93
N LEU A 214 -26.80 -1.75 -3.63
CA LEU A 214 -26.27 -2.03 -2.31
C LEU A 214 -24.74 -2.02 -2.40
N ILE A 215 -24.11 -1.19 -1.57
CA ILE A 215 -22.65 -1.09 -1.56
C ILE A 215 -22.05 -1.81 -0.36
N LEU A 216 -21.35 -2.91 -0.60
CA LEU A 216 -20.69 -3.64 0.48
C LEU A 216 -19.25 -3.16 0.56
N GLN A 217 -18.95 -2.40 1.61
CA GLN A 217 -17.60 -1.87 1.79
C GLN A 217 -16.76 -2.78 2.67
N CYS A 218 -15.54 -3.07 2.22
CA CYS A 218 -14.63 -3.93 2.97
C CYS A 218 -13.79 -3.13 3.95
N ALA A 219 -13.26 -3.82 4.96
CA ALA A 219 -12.42 -3.16 5.95
C ALA A 219 -10.98 -3.24 5.48
N ASP A 220 -10.20 -2.21 5.78
CA ASP A 220 -8.79 -2.18 5.39
C ASP A 220 -8.59 -2.66 3.96
N ASP A 221 -9.38 -2.10 3.06
CA ASP A 221 -9.30 -2.42 1.65
C ASP A 221 -8.38 -1.39 1.00
N ILE A 222 -7.27 -1.85 0.42
CA ILE A 222 -6.32 -0.96 -0.22
C ILE A 222 -6.79 -0.55 -1.62
N ILE A 223 -7.45 -1.48 -2.31
CA ILE A 223 -7.94 -1.22 -3.66
C ILE A 223 -9.12 -0.24 -3.66
N ALA A 224 -10.07 -0.49 -2.77
CA ALA A 224 -11.26 0.34 -2.64
C ALA A 224 -11.44 0.77 -1.19
N PRO A 225 -10.73 1.83 -0.78
CA PRO A 225 -10.82 2.33 0.60
C PRO A 225 -12.21 2.76 1.02
N ALA A 226 -12.44 2.77 2.33
CA ALA A 226 -13.73 3.16 2.90
C ALA A 226 -14.27 4.48 2.30
N THR A 227 -13.39 5.44 2.04
CA THR A 227 -13.82 6.71 1.47
C THR A 227 -14.50 6.59 0.12
N VAL A 228 -14.07 5.64 -0.72
CA VAL A 228 -14.71 5.49 -2.03
C VAL A 228 -16.12 4.91 -1.92
N GLY A 229 -16.34 4.02 -0.96
CA GLY A 229 -17.66 3.44 -0.80
C GLY A 229 -18.63 4.47 -0.25
N LYS A 230 -18.13 5.31 0.64
CA LYS A 230 -18.93 6.36 1.25
C LYS A 230 -19.31 7.36 0.16
N TYR A 231 -18.32 7.72 -0.66
CA TYR A 231 -18.56 8.64 -1.74
C TYR A 231 -19.61 8.06 -2.71
N MET A 232 -19.47 6.79 -3.05
CA MET A 232 -20.43 6.17 -3.94
C MET A 232 -21.81 6.19 -3.34
N HIS A 233 -21.90 5.87 -2.06
CA HIS A 233 -23.20 5.88 -1.41
C HIS A 233 -23.84 7.26 -1.54
N GLN A 234 -23.05 8.31 -1.32
CA GLN A 234 -23.52 9.67 -1.40
C GLN A 234 -24.03 10.12 -2.77
N HIS A 235 -23.34 9.72 -3.84
CA HIS A 235 -23.70 10.17 -5.18
C HIS A 235 -24.63 9.31 -6.00
N LEU A 236 -24.78 8.06 -5.60
CA LEU A 236 -25.68 7.15 -6.29
C LEU A 236 -27.06 7.52 -5.72
N PRO A 237 -28.03 7.86 -6.58
CA PRO A 237 -29.36 8.23 -6.09
C PRO A 237 -30.13 7.27 -5.18
N TYR A 238 -30.10 5.98 -5.50
CA TYR A 238 -30.85 5.00 -4.70
C TYR A 238 -29.96 3.93 -4.10
N SER A 239 -29.33 4.21 -2.98
CA SER A 239 -28.44 3.21 -2.42
C SER A 239 -28.38 3.10 -0.91
N SER A 240 -27.70 2.05 -0.45
CA SER A 240 -27.47 1.78 0.96
C SER A 240 -26.03 1.28 1.07
N LEU A 241 -25.41 1.53 2.22
CA LEU A 241 -24.03 1.14 2.48
C LEU A 241 -23.91 0.19 3.69
N LYS A 242 -23.07 -0.83 3.54
CA LYS A 242 -22.86 -1.81 4.60
C LYS A 242 -21.37 -2.11 4.78
N GLN A 243 -20.85 -1.77 5.95
CA GLN A 243 -19.45 -2.01 6.28
C GLN A 243 -19.29 -3.45 6.71
N MET A 244 -18.52 -4.21 5.94
CA MET A 244 -18.29 -5.61 6.27
C MET A 244 -17.21 -5.66 7.35
N GLU A 245 -17.13 -6.77 8.06
CA GLU A 245 -16.09 -6.95 9.05
C GLU A 245 -14.92 -7.52 8.28
N ALA A 246 -15.22 -8.09 7.12
CA ALA A 246 -14.24 -8.69 6.22
C ALA A 246 -13.14 -7.71 5.81
N ARG A 247 -11.91 -8.19 5.82
CA ARG A 247 -10.73 -7.40 5.47
C ARG A 247 -10.29 -7.68 4.04
N GLY A 248 -9.57 -6.73 3.45
CA GLY A 248 -9.10 -6.93 2.10
C GLY A 248 -10.14 -6.58 1.06
N HIS A 249 -9.81 -6.86 -0.21
CA HIS A 249 -10.69 -6.53 -1.31
C HIS A 249 -11.51 -7.68 -1.88
N CYS A 250 -11.26 -8.90 -1.41
CA CYS A 250 -11.98 -10.08 -1.90
C CYS A 250 -12.74 -10.86 -0.83
N PRO A 251 -13.76 -10.26 -0.24
CA PRO A 251 -14.52 -10.97 0.80
C PRO A 251 -15.22 -12.24 0.34
N HIS A 252 -15.58 -12.32 -0.94
CA HIS A 252 -16.25 -13.50 -1.46
C HIS A 252 -15.35 -14.73 -1.44
N MET A 253 -14.05 -14.53 -1.26
CA MET A 253 -13.18 -15.69 -1.21
C MET A 253 -12.48 -15.83 0.14
N SER A 254 -12.34 -14.73 0.88
CA SER A 254 -11.69 -14.77 2.18
C SER A 254 -12.71 -14.85 3.32
N HIS A 255 -13.90 -14.31 3.09
CA HIS A 255 -14.98 -14.33 4.09
C HIS A 255 -16.33 -14.62 3.43
N PRO A 256 -16.45 -15.76 2.75
CA PRO A 256 -17.72 -16.10 2.09
C PRO A 256 -18.96 -16.07 2.96
N ASP A 257 -18.84 -16.50 4.20
CA ASP A 257 -20.01 -16.53 5.07
C ASP A 257 -20.66 -15.18 5.30
N GLU A 258 -19.87 -14.15 5.56
CA GLU A 258 -20.43 -12.83 5.78
C GLU A 258 -20.99 -12.31 4.46
N THR A 259 -20.30 -12.60 3.36
CA THR A 259 -20.72 -12.15 2.05
C THR A 259 -22.10 -12.70 1.75
N ILE A 260 -22.30 -13.99 1.99
CA ILE A 260 -23.59 -14.63 1.76
C ILE A 260 -24.68 -14.02 2.63
N GLN A 261 -24.32 -13.73 3.89
CA GLN A 261 -25.28 -13.17 4.84
C GLN A 261 -25.85 -11.83 4.40
N LEU A 262 -24.95 -10.88 4.15
CA LEU A 262 -25.33 -9.54 3.72
C LEU A 262 -26.14 -9.52 2.42
N ILE A 263 -25.74 -10.31 1.43
CA ILE A 263 -26.47 -10.36 0.17
C ILE A 263 -27.86 -10.97 0.42
N GLY A 264 -27.89 -12.02 1.24
CA GLY A 264 -29.14 -12.67 1.55
C GLY A 264 -30.09 -11.75 2.32
N ASP A 265 -29.56 -11.00 3.29
CA ASP A 265 -30.40 -10.08 4.07
C ASP A 265 -31.02 -9.05 3.16
N TYR A 266 -30.21 -8.53 2.25
CA TYR A 266 -30.67 -7.51 1.32
C TYR A 266 -31.80 -7.98 0.42
N LEU A 267 -31.61 -9.12 -0.25
CA LEU A 267 -32.64 -9.64 -1.15
C LEU A 267 -33.89 -10.02 -0.37
N LYS A 268 -33.69 -10.47 0.85
CA LYS A 268 -34.79 -10.86 1.72
C LYS A 268 -35.66 -9.64 2.06
N ALA A 269 -35.02 -8.48 2.13
CA ALA A 269 -35.73 -7.24 2.47
C ALA A 269 -36.38 -6.52 1.31
N HIS A 270 -35.94 -6.80 0.08
CA HIS A 270 -36.50 -6.12 -1.08
C HIS A 270 -37.33 -7.00 -2.00
N VAL A 271 -37.63 -8.20 -1.54
CA VAL A 271 -38.42 -9.13 -2.34
C VAL A 271 -39.90 -8.74 -2.28
N GLY B 2 44.18 17.17 10.81
CA GLY B 2 43.90 16.97 9.34
C GLY B 2 42.78 16.00 8.97
N HIS B 3 42.27 15.24 9.94
CA HIS B 3 41.21 14.26 9.68
C HIS B 3 39.87 14.49 10.38
N MET B 4 39.88 15.15 11.53
CA MET B 4 38.64 15.43 12.24
C MET B 4 37.81 16.36 11.35
N THR B 5 38.48 17.23 10.61
CA THR B 5 37.78 18.18 9.74
C THR B 5 37.26 17.52 8.47
N SER B 6 37.95 16.48 8.03
CA SER B 6 37.55 15.75 6.83
C SER B 6 36.23 15.05 7.13
N ILE B 7 36.11 14.52 8.34
CA ILE B 7 34.89 13.87 8.75
C ILE B 7 33.78 14.92 8.79
N LEU B 8 34.07 16.05 9.44
CA LEU B 8 33.11 17.13 9.55
C LEU B 8 32.62 17.59 8.16
N SER B 9 33.50 17.51 7.17
CA SER B 9 33.16 17.89 5.80
C SER B 9 32.34 16.79 5.13
N ARG B 10 32.88 15.58 5.16
CA ARG B 10 32.21 14.42 4.58
C ARG B 10 30.77 14.25 5.06
N ASN B 11 30.55 14.32 6.37
CA ASN B 11 29.22 14.15 6.93
C ASN B 11 28.46 15.46 7.18
N HIS B 12 28.87 16.54 6.54
CA HIS B 12 28.21 17.85 6.69
C HIS B 12 27.79 18.11 8.14
N VAL B 13 28.71 17.89 9.08
CA VAL B 13 28.40 18.07 10.49
C VAL B 13 28.26 19.51 10.92
N LYS B 14 27.23 19.78 11.72
CA LYS B 14 26.96 21.11 12.27
C LYS B 14 26.47 20.91 13.69
N VAL B 15 26.68 21.93 14.53
CA VAL B 15 26.24 21.89 15.91
C VAL B 15 25.59 23.23 16.23
N LYS B 16 24.43 23.20 16.87
CA LYS B 16 23.69 24.40 17.22
C LYS B 16 23.25 24.37 18.69
N GLY B 17 22.81 25.52 19.19
CA GLY B 17 22.36 25.63 20.56
C GLY B 17 23.42 25.31 21.61
N SER B 18 22.98 25.11 22.85
CA SER B 18 23.90 24.78 23.95
C SER B 18 23.18 24.18 25.16
N GLY B 19 23.88 23.33 25.91
CA GLY B 19 23.31 22.71 27.07
C GLY B 19 24.21 21.62 27.64
N LYS B 20 23.87 21.09 28.81
CA LYS B 20 24.69 20.05 29.42
C LYS B 20 24.76 18.77 28.57
N ALA B 21 23.70 18.51 27.82
CA ALA B 21 23.64 17.31 26.98
C ALA B 21 23.52 17.67 25.50
N SER B 22 23.84 16.71 24.65
CA SER B 22 23.75 16.93 23.21
C SER B 22 22.79 15.92 22.58
N ILE B 23 22.15 16.33 21.49
CA ILE B 23 21.23 15.44 20.78
C ILE B 23 21.63 15.37 19.31
N MET B 24 21.92 14.15 18.85
CA MET B 24 22.31 13.92 17.46
C MET B 24 21.07 13.42 16.71
N PHE B 25 20.77 14.02 15.55
CA PHE B 25 19.62 13.61 14.74
C PHE B 25 20.09 12.97 13.44
N ALA B 26 19.66 11.74 13.17
CA ALA B 26 20.02 11.03 11.95
C ALA B 26 18.84 10.97 10.99
N PRO B 27 19.06 11.29 9.71
CA PRO B 27 17.98 11.26 8.72
C PRO B 27 17.63 9.83 8.33
N GLY B 28 16.50 9.67 7.65
CA GLY B 28 16.09 8.35 7.19
C GLY B 28 16.68 8.18 5.81
N PHE B 29 16.29 7.13 5.09
CA PHE B 29 16.79 6.90 3.74
C PHE B 29 16.39 8.01 2.76
N GLY B 30 17.28 8.32 1.84
CA GLY B 30 17.00 9.34 0.84
C GLY B 30 16.83 10.76 1.36
N CYS B 31 17.10 10.98 2.64
CA CYS B 31 16.96 12.32 3.21
C CYS B 31 18.27 12.88 3.77
N ASP B 32 18.33 14.20 3.89
CA ASP B 32 19.50 14.87 4.45
C ASP B 32 19.04 15.58 5.73
N GLN B 33 19.98 16.20 6.44
CA GLN B 33 19.66 16.85 7.70
C GLN B 33 18.53 17.88 7.66
N SER B 34 18.27 18.48 6.51
CA SER B 34 17.21 19.48 6.42
C SER B 34 15.84 18.96 6.80
N VAL B 35 15.63 17.65 6.77
CA VAL B 35 14.32 17.10 7.14
C VAL B 35 14.04 17.33 8.62
N TRP B 36 15.08 17.71 9.37
CA TRP B 36 14.92 17.96 10.80
C TRP B 36 14.59 19.40 11.11
N ASN B 37 14.49 20.23 10.07
CA ASN B 37 14.21 21.66 10.22
C ASN B 37 13.00 22.05 11.07
N ALA B 38 12.02 21.17 11.18
CA ALA B 38 10.82 21.47 11.96
C ALA B 38 10.87 20.94 13.39
N VAL B 39 11.80 20.02 13.67
CA VAL B 39 11.88 19.45 15.01
C VAL B 39 13.15 19.80 15.79
N ALA B 40 14.31 19.57 15.16
CA ALA B 40 15.61 19.81 15.80
C ALA B 40 15.83 21.20 16.39
N PRO B 41 15.46 22.27 15.67
CA PRO B 41 15.71 23.58 16.28
C PRO B 41 15.00 23.78 17.62
N ALA B 42 13.93 23.03 17.88
CA ALA B 42 13.21 23.17 19.13
C ALA B 42 14.05 22.78 20.34
N PHE B 43 15.08 21.97 20.11
CA PHE B 43 15.93 21.51 21.20
C PHE B 43 17.23 22.27 21.42
N GLU B 44 17.48 23.31 20.62
CA GLU B 44 18.71 24.08 20.77
C GLU B 44 18.76 24.82 22.10
N GLU B 45 17.57 25.10 22.64
CA GLU B 45 17.39 25.80 23.91
C GLU B 45 18.08 25.17 25.11
N ASP B 46 17.98 23.84 25.21
CA ASP B 46 18.57 23.13 26.35
C ASP B 46 19.56 22.06 25.95
N HIS B 47 19.92 22.04 24.68
CA HIS B 47 20.86 21.03 24.20
C HIS B 47 21.73 21.55 23.06
N ARG B 48 22.84 20.86 22.85
CA ARG B 48 23.72 21.18 21.74
C ARG B 48 23.13 20.22 20.70
N VAL B 49 22.58 20.77 19.63
CA VAL B 49 21.98 19.91 18.60
C VAL B 49 23.01 19.59 17.51
N ILE B 50 23.17 18.29 17.22
CA ILE B 50 24.11 17.86 16.18
C ILE B 50 23.34 17.38 14.95
N LEU B 51 23.72 17.87 13.77
CA LEU B 51 23.07 17.49 12.51
C LEU B 51 24.12 16.92 11.58
N PHE B 52 23.72 16.03 10.67
CA PHE B 52 24.68 15.46 9.74
C PHE B 52 24.03 14.70 8.59
N ASP B 53 24.82 14.42 7.56
CA ASP B 53 24.37 13.69 6.38
C ASP B 53 25.21 12.43 6.21
N TYR B 54 24.62 11.40 5.57
CA TYR B 54 25.34 10.15 5.32
C TYR B 54 26.18 10.35 4.07
N VAL B 55 27.27 9.61 3.95
CA VAL B 55 28.12 9.73 2.77
C VAL B 55 27.35 9.25 1.55
N GLY B 56 27.06 10.17 0.64
CA GLY B 56 26.35 9.80 -0.57
C GLY B 56 25.01 10.45 -0.82
N SER B 57 24.72 11.52 -0.09
CA SER B 57 23.44 12.21 -0.27
C SER B 57 23.62 13.58 -0.92
N GLY B 58 23.27 13.68 -2.20
CA GLY B 58 23.39 14.93 -2.95
C GLY B 58 24.39 15.85 -2.29
N HIS B 59 25.67 15.63 -2.58
CA HIS B 59 26.72 16.43 -1.96
C HIS B 59 28.03 16.46 -2.73
N SER B 60 29.07 16.91 -2.04
CA SER B 60 30.42 16.99 -2.58
C SER B 60 31.21 15.78 -2.12
N ASP B 61 30.89 15.29 -0.92
CA ASP B 61 31.56 14.12 -0.36
C ASP B 61 31.22 12.87 -1.17
N LEU B 62 30.81 13.09 -2.41
CA LEU B 62 30.44 12.01 -3.34
C LEU B 62 31.65 11.13 -3.63
N ARG B 63 32.84 11.72 -3.53
CA ARG B 63 34.09 10.99 -3.79
C ARG B 63 34.49 10.16 -2.58
N ALA B 64 33.78 10.32 -1.47
CA ALA B 64 34.07 9.59 -0.24
C ALA B 64 33.19 8.34 -0.12
N TYR B 65 32.44 8.05 -1.18
CA TYR B 65 31.55 6.89 -1.19
C TYR B 65 32.27 5.59 -1.54
N ASP B 66 32.35 4.70 -0.56
CA ASP B 66 32.99 3.40 -0.74
C ASP B 66 31.92 2.32 -0.88
N LEU B 67 31.75 1.85 -2.11
CA LEU B 67 30.75 0.82 -2.41
C LEU B 67 30.79 -0.35 -1.43
N ASN B 68 31.87 -0.45 -0.66
CA ASN B 68 32.03 -1.53 0.28
C ASN B 68 31.37 -1.28 1.64
N ARG B 69 31.84 -0.29 2.38
CA ARG B 69 31.28 -0.02 3.70
C ARG B 69 29.81 0.36 3.70
N TYR B 70 29.34 0.97 2.62
CA TYR B 70 27.94 1.38 2.54
C TYR B 70 27.06 0.35 1.84
N GLN B 71 27.56 -0.88 1.79
CA GLN B 71 26.83 -1.99 1.19
C GLN B 71 25.93 -2.58 2.27
N THR B 72 26.36 -2.38 3.51
CA THR B 72 25.62 -2.85 4.67
C THR B 72 25.39 -1.67 5.61
N LEU B 73 24.38 -1.76 6.48
CA LEU B 73 24.09 -0.68 7.41
C LEU B 73 25.25 -0.44 8.37
N ASP B 74 26.26 -1.30 8.34
CA ASP B 74 27.43 -1.15 9.21
C ASP B 74 28.11 0.17 8.92
N GLY B 75 28.45 0.38 7.65
CA GLY B 75 29.13 1.60 7.23
C GLY B 75 28.46 2.87 7.72
N TYR B 76 27.13 2.88 7.72
CA TYR B 76 26.36 4.03 8.16
C TYR B 76 26.51 4.19 9.67
N ALA B 77 26.60 3.06 10.36
CA ALA B 77 26.76 3.07 11.81
C ALA B 77 28.14 3.67 12.08
N GLN B 78 29.09 3.33 11.20
CA GLN B 78 30.45 3.83 11.32
C GLN B 78 30.46 5.35 11.18
N ASP B 79 29.72 5.87 10.19
CA ASP B 79 29.64 7.31 9.99
C ASP B 79 29.22 8.00 11.30
N VAL B 80 28.28 7.39 12.01
CA VAL B 80 27.80 7.95 13.28
C VAL B 80 28.92 7.94 14.33
N LEU B 81 29.68 6.86 14.38
CA LEU B 81 30.79 6.75 15.32
C LEU B 81 31.85 7.80 14.94
N ASP B 82 32.09 7.93 13.64
CA ASP B 82 33.07 8.91 13.16
C ASP B 82 32.72 10.32 13.63
N VAL B 83 31.47 10.71 13.43
CA VAL B 83 31.02 12.05 13.83
C VAL B 83 31.17 12.24 15.33
N CYS B 84 30.70 11.29 16.12
CA CYS B 84 30.82 11.38 17.58
C CYS B 84 32.27 11.55 17.97
N GLU B 85 33.13 10.84 17.26
CA GLU B 85 34.56 10.89 17.52
C GLU B 85 35.13 12.26 17.13
N ALA B 86 34.83 12.70 15.91
CA ALA B 86 35.31 13.98 15.45
C ALA B 86 34.87 15.11 16.37
N LEU B 87 33.66 14.99 16.94
CA LEU B 87 33.15 16.01 17.84
C LEU B 87 33.64 15.78 19.25
N ASP B 88 34.46 14.74 19.43
CA ASP B 88 35.03 14.40 20.72
C ASP B 88 33.98 14.30 21.83
N LEU B 89 32.85 13.66 21.54
CA LEU B 89 31.78 13.49 22.51
C LEU B 89 32.05 12.35 23.48
N LYS B 90 31.43 12.43 24.66
CA LYS B 90 31.57 11.40 25.67
C LYS B 90 30.27 10.59 25.62
N GLU B 91 29.15 11.32 25.63
CA GLU B 91 27.84 10.70 25.60
C GLU B 91 26.87 11.64 24.87
N THR B 92 25.84 11.08 24.25
CA THR B 92 24.88 11.90 23.54
C THR B 92 23.55 11.19 23.35
N VAL B 93 22.48 11.97 23.23
CA VAL B 93 21.17 11.41 22.96
C VAL B 93 21.17 11.20 21.44
N PHE B 94 20.60 10.09 20.98
CA PHE B 94 20.56 9.82 19.54
C PHE B 94 19.13 9.66 19.04
N VAL B 95 18.70 10.58 18.19
CA VAL B 95 17.36 10.53 17.61
C VAL B 95 17.50 10.12 16.15
N GLY B 96 16.83 9.04 15.77
CA GLY B 96 16.93 8.57 14.41
C GLY B 96 15.58 8.30 13.77
N HIS B 97 15.41 8.75 12.53
CA HIS B 97 14.17 8.54 11.81
C HIS B 97 14.27 7.35 10.87
N SER B 98 13.26 6.49 10.91
CA SER B 98 13.21 5.33 10.04
C SER B 98 14.51 4.52 10.08
N VAL B 99 15.12 4.25 8.92
CA VAL B 99 16.35 3.47 8.89
C VAL B 99 17.43 4.12 9.76
N GLY B 100 17.30 5.41 10.01
CA GLY B 100 18.26 6.12 10.84
C GLY B 100 18.28 5.62 12.27
N ALA B 101 17.10 5.31 12.80
CA ALA B 101 17.01 4.81 14.17
C ALA B 101 17.79 3.50 14.30
N LEU B 102 17.67 2.65 13.28
CA LEU B 102 18.34 1.37 13.26
C LEU B 102 19.85 1.52 13.20
N ILE B 103 20.31 2.49 12.40
CA ILE B 103 21.74 2.74 12.26
C ILE B 103 22.30 3.14 13.63
N GLY B 104 21.56 3.96 14.37
CA GLY B 104 22.00 4.37 15.68
C GLY B 104 22.08 3.17 16.60
N MET B 105 21.05 2.33 16.56
CA MET B 105 21.03 1.13 17.39
C MET B 105 22.28 0.30 17.08
N LEU B 106 22.61 0.20 15.79
CA LEU B 106 23.79 -0.56 15.38
C LEU B 106 25.05 0.02 15.99
N ALA B 107 25.13 1.35 16.05
CA ALA B 107 26.30 2.00 16.63
C ALA B 107 26.31 1.82 18.14
N SER B 108 25.13 1.83 18.76
CA SER B 108 25.01 1.68 20.20
C SER B 108 25.47 0.31 20.70
N ILE B 109 25.27 -0.73 19.91
CA ILE B 109 25.70 -2.05 20.37
C ILE B 109 27.23 -2.08 20.43
N ARG B 110 27.88 -1.35 19.51
CA ARG B 110 29.34 -1.29 19.48
C ARG B 110 29.96 -0.36 20.53
N ARG B 111 29.26 0.74 20.83
CA ARG B 111 29.78 1.71 21.80
C ARG B 111 28.66 2.23 22.68
N PRO B 112 28.00 1.34 23.42
CA PRO B 112 26.89 1.75 24.30
C PRO B 112 27.20 2.92 25.24
N GLU B 113 28.47 3.09 25.59
CA GLU B 113 28.86 4.17 26.50
C GLU B 113 28.79 5.52 25.81
N LEU B 114 28.63 5.51 24.50
CA LEU B 114 28.57 6.73 23.71
C LEU B 114 27.16 7.32 23.66
N PHE B 115 26.15 6.48 23.91
CA PHE B 115 24.77 6.94 23.86
C PHE B 115 24.04 6.76 25.18
N SER B 116 23.23 7.75 25.53
CA SER B 116 22.46 7.70 26.76
C SER B 116 21.03 7.25 26.49
N HIS B 117 20.50 7.60 25.32
CA HIS B 117 19.15 7.21 24.92
C HIS B 117 19.05 7.05 23.42
N LEU B 118 18.17 6.14 22.99
CA LEU B 118 17.95 5.92 21.56
C LEU B 118 16.50 6.28 21.24
N VAL B 119 16.29 7.44 20.64
CA VAL B 119 14.95 7.86 20.27
C VAL B 119 14.73 7.45 18.82
N MET B 120 13.85 6.49 18.61
CA MET B 120 13.58 5.96 17.27
C MET B 120 12.22 6.38 16.75
N VAL B 121 12.21 7.18 15.69
CA VAL B 121 10.98 7.65 15.07
C VAL B 121 10.63 6.73 13.89
N GLY B 122 9.60 5.91 14.07
CA GLY B 122 9.17 4.99 13.02
C GLY B 122 10.20 3.94 12.65
N PRO B 123 10.80 3.25 13.64
CA PRO B 123 11.81 2.22 13.36
C PRO B 123 11.27 0.89 12.84
N SER B 124 12.19 0.06 12.37
CA SER B 124 11.86 -1.26 11.84
C SER B 124 13.13 -2.12 11.72
N PRO B 125 13.12 -3.29 12.39
CA PRO B 125 14.27 -4.21 12.35
C PRO B 125 14.29 -5.08 11.10
N CYS B 126 13.15 -5.14 10.40
CA CYS B 126 13.00 -5.93 9.19
C CYS B 126 11.69 -5.55 8.51
N TYR B 127 11.72 -5.37 7.20
CA TYR B 127 10.52 -4.97 6.48
C TYR B 127 9.71 -6.14 5.91
N LEU B 128 10.19 -7.36 6.12
CA LEU B 128 9.51 -8.54 5.60
C LEU B 128 8.38 -9.11 6.45
N ASN B 129 7.31 -9.54 5.77
CA ASN B 129 6.16 -10.16 6.41
C ASN B 129 6.59 -11.58 6.71
N ASP B 130 6.53 -11.98 7.98
CA ASP B 130 6.92 -13.32 8.37
C ASP B 130 5.94 -13.92 9.39
N PRO B 131 4.72 -14.27 8.95
CA PRO B 131 3.72 -14.85 9.85
C PRO B 131 4.15 -16.21 10.40
N PRO B 132 3.61 -16.59 11.57
CA PRO B 132 2.64 -15.81 12.35
C PRO B 132 3.31 -14.98 13.44
N GLU B 133 4.63 -15.11 13.54
CA GLU B 133 5.41 -14.40 14.54
C GLU B 133 5.70 -12.93 14.24
N TYR B 134 6.30 -12.64 13.09
CA TYR B 134 6.65 -11.27 12.73
C TYR B 134 6.00 -10.76 11.44
N TYR B 135 5.43 -9.55 11.50
CA TYR B 135 4.79 -8.94 10.35
C TYR B 135 5.48 -7.64 9.94
N GLY B 136 6.50 -7.77 9.09
CA GLY B 136 7.24 -6.61 8.63
C GLY B 136 6.41 -5.64 7.80
N GLY B 137 5.42 -6.18 7.09
CA GLY B 137 4.55 -5.34 6.28
C GLY B 137 4.76 -5.41 4.78
N PHE B 138 5.78 -6.16 4.34
CA PHE B 138 6.10 -6.28 2.92
C PHE B 138 6.40 -7.70 2.48
N GLU B 139 6.23 -7.95 1.18
CA GLU B 139 6.51 -9.25 0.60
C GLU B 139 7.80 -9.13 -0.19
N GLU B 140 8.62 -10.16 -0.14
CA GLU B 140 9.88 -10.20 -0.86
C GLU B 140 9.69 -9.51 -2.22
N GLU B 141 8.75 -10.05 -3.00
CA GLU B 141 8.46 -9.54 -4.33
C GLU B 141 8.12 -8.05 -4.35
N GLN B 142 7.40 -7.58 -3.33
CA GLN B 142 7.03 -6.18 -3.25
C GLN B 142 8.28 -5.30 -3.12
N LEU B 143 9.19 -5.70 -2.25
CA LEU B 143 10.43 -4.95 -2.06
C LEU B 143 11.29 -5.08 -3.31
N LEU B 144 11.34 -6.29 -3.87
CA LEU B 144 12.10 -6.51 -5.10
C LEU B 144 11.51 -5.63 -6.20
N GLY B 145 10.18 -5.50 -6.18
CA GLY B 145 9.51 -4.69 -7.18
C GLY B 145 9.97 -3.25 -7.13
N LEU B 146 9.96 -2.66 -5.93
CA LEU B 146 10.41 -1.29 -5.76
C LEU B 146 11.88 -1.19 -6.12
N LEU B 147 12.68 -2.11 -5.60
CA LEU B 147 14.11 -2.13 -5.88
C LEU B 147 14.30 -2.07 -7.40
N GLU B 148 13.65 -3.00 -8.08
CA GLU B 148 13.70 -3.08 -9.54
C GLU B 148 13.38 -1.74 -10.19
N MET B 149 12.26 -1.14 -9.79
CA MET B 149 11.82 0.13 -10.36
C MET B 149 12.84 1.25 -10.19
N MET B 150 13.60 1.21 -9.09
CA MET B 150 14.60 2.25 -8.85
C MET B 150 15.59 2.31 -10.00
N GLU B 151 15.98 1.14 -10.50
CA GLU B 151 16.93 1.06 -11.60
C GLU B 151 16.30 1.37 -12.96
N LYS B 152 15.24 0.66 -13.31
CA LYS B 152 14.56 0.87 -14.58
C LYS B 152 14.06 2.30 -14.75
N ASN B 153 13.39 2.82 -13.72
CA ASN B 153 12.84 4.17 -13.75
C ASN B 153 12.96 4.83 -12.38
N TYR B 154 14.05 5.56 -12.18
CA TYR B 154 14.30 6.23 -10.91
C TYR B 154 13.34 7.36 -10.53
N ILE B 155 13.15 8.32 -11.41
CA ILE B 155 12.26 9.46 -11.13
C ILE B 155 10.84 9.01 -10.74
N GLY B 156 10.25 8.13 -11.54
CA GLY B 156 8.91 7.65 -11.25
C GLY B 156 8.88 6.95 -9.92
N TRP B 157 9.95 6.23 -9.61
CA TRP B 157 10.07 5.52 -8.34
C TRP B 157 10.03 6.53 -7.20
N ALA B 158 10.87 7.55 -7.32
CA ALA B 158 10.97 8.60 -6.31
C ALA B 158 9.59 9.14 -5.94
N THR B 159 8.77 9.42 -6.94
CA THR B 159 7.44 9.96 -6.71
C THR B 159 6.46 8.89 -6.21
N VAL B 160 6.60 7.67 -6.68
CA VAL B 160 5.72 6.59 -6.24
C VAL B 160 6.03 6.24 -4.79
N PHE B 161 7.31 6.16 -4.46
CA PHE B 161 7.74 5.81 -3.10
C PHE B 161 7.48 6.94 -2.09
N ALA B 162 7.51 8.18 -2.57
CA ALA B 162 7.26 9.32 -1.70
C ALA B 162 5.81 9.31 -1.23
N ALA B 163 4.91 8.97 -2.14
CA ALA B 163 3.49 8.92 -1.81
C ALA B 163 3.24 7.82 -0.80
N THR B 164 3.83 6.65 -1.07
CA THR B 164 3.69 5.50 -0.20
C THR B 164 4.13 5.76 1.23
N VAL B 165 5.32 6.33 1.41
CA VAL B 165 5.82 6.59 2.75
C VAL B 165 5.01 7.64 3.49
N LEU B 166 4.60 8.68 2.76
CA LEU B 166 3.82 9.75 3.37
C LEU B 166 2.41 9.29 3.74
N ASN B 167 1.82 8.46 2.88
CA ASN B 167 0.49 7.91 3.09
C ASN B 167 -0.51 8.99 3.49
N GLN B 168 -0.36 10.17 2.90
CA GLN B 168 -1.23 11.31 3.17
C GLN B 168 -1.44 12.15 1.91
N PRO B 169 -2.33 11.69 1.02
CA PRO B 169 -2.61 12.42 -0.22
C PRO B 169 -3.15 13.82 -0.01
N ASP B 170 -3.61 14.11 1.21
CA ASP B 170 -4.15 15.42 1.57
C ASP B 170 -3.04 16.37 2.02
N ARG B 171 -1.79 16.00 1.73
CA ARG B 171 -0.63 16.80 2.10
C ARG B 171 0.43 16.67 1.01
N PRO B 172 0.13 17.16 -0.20
CA PRO B 172 1.05 17.10 -1.34
C PRO B 172 2.34 17.87 -1.15
N GLU B 173 2.30 18.90 -0.30
CA GLU B 173 3.48 19.70 -0.06
C GLU B 173 4.60 18.87 0.56
N ILE B 174 4.28 18.11 1.60
CA ILE B 174 5.29 17.26 2.23
C ILE B 174 5.72 16.17 1.25
N LYS B 175 4.77 15.71 0.45
CA LYS B 175 5.00 14.68 -0.55
C LYS B 175 6.08 15.07 -1.57
N GLU B 176 5.96 16.28 -2.12
CA GLU B 176 6.93 16.74 -3.10
C GLU B 176 8.29 17.02 -2.48
N GLU B 177 8.28 17.54 -1.25
CA GLU B 177 9.53 17.83 -0.54
C GLU B 177 10.35 16.54 -0.44
N LEU B 178 9.68 15.46 -0.03
CA LEU B 178 10.33 14.17 0.11
C LEU B 178 10.67 13.62 -1.26
N GLU B 179 9.80 13.90 -2.23
CA GLU B 179 9.99 13.44 -3.60
C GLU B 179 11.27 14.03 -4.18
N SER B 180 11.47 15.33 -3.95
CA SER B 180 12.66 16.03 -4.46
C SER B 180 13.93 15.59 -3.73
N ARG B 181 13.81 15.21 -2.47
CA ARG B 181 14.97 14.76 -1.71
C ARG B 181 15.52 13.50 -2.37
N PHE B 182 14.61 12.63 -2.80
CA PHE B 182 15.02 11.40 -3.47
C PHE B 182 15.66 11.77 -4.80
N CYS B 183 15.11 12.79 -5.46
CA CYS B 183 15.65 13.23 -6.73
C CYS B 183 16.93 14.03 -6.50
N SER B 184 17.24 14.27 -5.24
CA SER B 184 18.44 15.02 -4.86
C SER B 184 19.61 14.08 -4.66
N THR B 185 19.31 12.85 -4.26
CA THR B 185 20.33 11.85 -4.01
C THR B 185 20.76 11.11 -5.29
N ASP B 186 22.03 10.73 -5.33
CA ASP B 186 22.59 10.02 -6.48
C ASP B 186 21.90 8.67 -6.63
N PRO B 187 21.29 8.41 -7.79
CA PRO B 187 20.60 7.15 -8.06
C PRO B 187 21.36 5.86 -7.73
N VAL B 188 22.64 5.79 -8.08
CA VAL B 188 23.39 4.56 -7.81
C VAL B 188 23.71 4.35 -6.33
N ILE B 189 23.78 5.44 -5.57
CA ILE B 189 24.06 5.33 -4.14
C ILE B 189 22.74 5.09 -3.41
N ALA B 190 21.66 5.60 -3.97
CA ALA B 190 20.33 5.44 -3.38
C ALA B 190 19.87 3.99 -3.47
N ARG B 191 20.28 3.32 -4.55
CA ARG B 191 19.91 1.93 -4.74
C ARG B 191 20.63 1.07 -3.72
N GLN B 192 21.95 1.25 -3.61
CA GLN B 192 22.73 0.48 -2.66
C GLN B 192 22.21 0.71 -1.26
N PHE B 193 21.84 1.94 -0.97
CA PHE B 193 21.33 2.33 0.36
C PHE B 193 20.00 1.62 0.60
N ALA B 194 19.07 1.74 -0.34
CA ALA B 194 17.76 1.10 -0.22
C ALA B 194 17.93 -0.41 -0.03
N LYS B 195 18.84 -0.98 -0.78
CA LYS B 195 19.12 -2.41 -0.73
C LYS B 195 19.59 -2.81 0.66
N ALA B 196 20.54 -2.07 1.20
CA ALA B 196 21.08 -2.38 2.52
C ALA B 196 20.08 -2.18 3.64
N ALA B 197 19.10 -1.32 3.43
CA ALA B 197 18.11 -1.01 4.46
C ALA B 197 16.86 -1.89 4.48
N PHE B 198 16.24 -2.07 3.32
CA PHE B 198 15.01 -2.84 3.24
C PHE B 198 15.21 -4.35 3.17
N PHE B 199 16.33 -4.79 2.61
CA PHE B 199 16.62 -6.21 2.49
C PHE B 199 17.51 -6.68 3.65
N SER B 200 17.40 -6.03 4.79
CA SER B 200 18.20 -6.39 5.95
C SER B 200 17.30 -6.84 7.10
N ASP B 201 17.87 -7.65 7.99
CA ASP B 201 17.13 -8.15 9.13
C ASP B 201 17.98 -7.96 10.39
N HIS B 202 17.41 -7.30 11.39
CA HIS B 202 18.13 -7.04 12.63
C HIS B 202 17.25 -7.34 13.84
N ARG B 203 16.39 -8.34 13.69
CA ARG B 203 15.49 -8.73 14.76
C ARG B 203 16.27 -9.36 15.92
N GLU B 204 17.33 -10.10 15.59
CA GLU B 204 18.14 -10.75 16.61
C GLU B 204 18.87 -9.75 17.49
N ASP B 205 19.50 -8.77 16.85
CA ASP B 205 20.27 -7.74 17.53
C ASP B 205 19.45 -6.94 18.56
N LEU B 206 18.14 -6.96 18.44
CA LEU B 206 17.29 -6.23 19.36
C LEU B 206 17.60 -6.56 20.81
N SER B 207 18.03 -7.79 21.05
CA SER B 207 18.36 -8.25 22.39
C SER B 207 19.70 -7.69 22.88
N LYS B 208 20.54 -7.27 21.92
CA LYS B 208 21.87 -6.75 22.21
C LYS B 208 21.99 -5.28 22.62
N VAL B 209 20.88 -4.54 22.64
CA VAL B 209 20.98 -3.12 23.01
C VAL B 209 20.93 -2.94 24.52
N THR B 210 21.91 -2.21 25.04
CA THR B 210 22.01 -1.97 26.47
C THR B 210 21.66 -0.54 26.81
N VAL B 211 21.31 0.24 25.79
CA VAL B 211 20.97 1.65 25.97
C VAL B 211 19.46 1.84 25.96
N PRO B 212 18.93 2.64 26.90
CA PRO B 212 17.49 2.90 26.97
C PRO B 212 16.99 3.40 25.62
N SER B 213 15.68 3.44 25.41
CA SER B 213 15.17 3.90 24.13
C SER B 213 13.70 4.26 24.13
N LEU B 214 13.31 5.06 23.14
CA LEU B 214 11.93 5.48 22.96
C LEU B 214 11.53 5.13 21.54
N ILE B 215 10.42 4.42 21.41
CA ILE B 215 9.93 4.02 20.10
C ILE B 215 8.67 4.82 19.79
N LEU B 216 8.75 5.65 18.75
CA LEU B 216 7.61 6.44 18.33
C LEU B 216 6.99 5.74 17.13
N GLN B 217 5.89 5.02 17.37
CA GLN B 217 5.19 4.30 16.31
C GLN B 217 4.16 5.23 15.68
N CYS B 218 4.14 5.25 14.34
CA CYS B 218 3.21 6.10 13.62
C CYS B 218 1.92 5.35 13.30
N ALA B 219 0.84 6.10 13.10
CA ALA B 219 -0.46 5.54 12.77
C ALA B 219 -0.54 5.41 11.25
N ASP B 220 -1.20 4.35 10.79
CA ASP B 220 -1.35 4.10 9.36
C ASP B 220 -0.01 4.22 8.63
N ASP B 221 0.99 3.47 9.11
CA ASP B 221 2.31 3.50 8.50
C ASP B 221 2.53 2.27 7.63
N ILE B 222 2.74 2.51 6.34
CA ILE B 222 2.95 1.44 5.35
C ILE B 222 4.39 0.94 5.31
N ILE B 223 5.33 1.77 5.74
CA ILE B 223 6.73 1.37 5.71
C ILE B 223 7.09 0.59 6.97
N ALA B 224 6.51 1.00 8.10
CA ALA B 224 6.75 0.33 9.38
C ALA B 224 5.44 0.28 10.15
N PRO B 225 4.57 -0.70 9.84
CA PRO B 225 3.28 -0.85 10.51
C PRO B 225 3.37 -1.03 12.03
N ALA B 226 2.30 -0.66 12.71
CA ALA B 226 2.21 -0.73 14.16
C ALA B 226 2.67 -2.05 14.78
N THR B 227 2.68 -3.13 14.00
CA THR B 227 3.11 -4.43 14.50
C THR B 227 4.61 -4.49 14.74
N VAL B 228 5.39 -3.77 13.93
CA VAL B 228 6.83 -3.78 14.10
C VAL B 228 7.21 -2.97 15.33
N GLY B 229 6.37 -2.02 15.69
CA GLY B 229 6.63 -1.19 16.85
C GLY B 229 6.41 -1.94 18.14
N LYS B 230 5.21 -2.49 18.32
CA LYS B 230 4.88 -3.24 19.52
C LYS B 230 5.73 -4.51 19.64
N TYR B 231 6.39 -4.88 18.55
CA TYR B 231 7.24 -6.06 18.54
C TYR B 231 8.63 -5.71 19.05
N MET B 232 9.12 -4.55 18.64
CA MET B 232 10.44 -4.11 19.07
C MET B 232 10.40 -3.86 20.56
N HIS B 233 9.28 -3.35 21.05
CA HIS B 233 9.14 -3.07 22.47
C HIS B 233 9.29 -4.35 23.29
N GLN B 234 9.06 -5.49 22.65
CA GLN B 234 9.17 -6.78 23.32
C GLN B 234 10.58 -7.33 23.40
N HIS B 235 11.23 -7.44 22.23
CA HIS B 235 12.58 -7.99 22.15
C HIS B 235 13.71 -7.01 22.45
N LEU B 236 13.39 -5.72 22.46
CA LEU B 236 14.37 -4.69 22.76
C LEU B 236 14.33 -4.51 24.27
N PRO B 237 15.39 -4.92 24.97
CA PRO B 237 15.43 -4.80 26.44
C PRO B 237 14.90 -3.48 26.99
N TYR B 238 15.79 -2.59 27.39
CA TYR B 238 15.35 -1.32 27.94
C TYR B 238 14.74 -0.47 26.83
N SER B 239 13.46 -0.15 26.97
CA SER B 239 12.75 0.65 25.98
C SER B 239 11.38 1.12 26.44
N SER B 240 10.77 2.00 25.66
CA SER B 240 9.45 2.54 25.95
C SER B 240 8.71 2.71 24.63
N LEU B 241 7.43 2.34 24.60
CA LEU B 241 6.66 2.46 23.37
C LEU B 241 5.69 3.63 23.41
N LYS B 242 5.39 4.17 22.24
CA LYS B 242 4.47 5.28 22.10
C LYS B 242 3.75 5.21 20.77
N GLN B 243 2.48 5.58 20.78
CA GLN B 243 1.66 5.57 19.58
C GLN B 243 1.35 7.02 19.29
N MET B 244 1.69 7.47 18.09
CA MET B 244 1.43 8.85 17.71
C MET B 244 0.08 8.95 16.99
N GLU B 245 -0.53 10.13 17.05
CA GLU B 245 -1.79 10.36 16.35
C GLU B 245 -1.37 10.54 14.90
N ALA B 246 -0.15 11.02 14.72
CA ALA B 246 0.44 11.29 13.42
C ALA B 246 0.37 10.11 12.46
N ARG B 247 -0.03 10.41 11.24
CA ARG B 247 -0.15 9.41 10.18
C ARG B 247 1.07 9.48 9.28
N GLY B 248 1.33 8.39 8.56
CA GLY B 248 2.46 8.38 7.66
C GLY B 248 3.70 7.83 8.33
N HIS B 249 4.83 7.95 7.64
CA HIS B 249 6.08 7.43 8.15
C HIS B 249 7.06 8.55 8.50
N CYS B 250 6.68 9.79 8.20
CA CYS B 250 7.53 10.95 8.45
C CYS B 250 6.88 12.01 9.33
N PRO B 251 6.59 11.66 10.59
CA PRO B 251 5.97 12.59 11.53
C PRO B 251 6.80 13.84 11.80
N HIS B 252 8.12 13.72 11.67
CA HIS B 252 9.01 14.84 11.92
C HIS B 252 8.81 15.95 10.91
N MET B 253 8.24 15.61 9.76
CA MET B 253 7.99 16.65 8.78
C MET B 253 6.51 16.98 8.63
N SER B 254 5.64 15.99 8.83
CA SER B 254 4.19 16.23 8.71
C SER B 254 3.55 16.67 10.04
N HIS B 255 4.02 16.12 11.15
CA HIS B 255 3.48 16.47 12.47
C HIS B 255 4.61 16.77 13.47
N PRO B 256 5.43 17.80 13.18
CA PRO B 256 6.52 18.12 14.09
C PRO B 256 6.11 18.41 15.53
N ASP B 257 5.04 19.18 15.72
CA ASP B 257 4.57 19.53 17.05
C ASP B 257 4.44 18.33 17.99
N GLU B 258 3.82 17.26 17.51
CA GLU B 258 3.65 16.07 18.33
C GLU B 258 5.00 15.38 18.52
N THR B 259 5.79 15.32 17.45
CA THR B 259 7.10 14.69 17.49
C THR B 259 7.99 15.36 18.53
N ILE B 260 7.94 16.69 18.57
CA ILE B 260 8.72 17.46 19.52
C ILE B 260 8.24 17.20 20.95
N GLN B 261 6.92 17.20 21.12
CA GLN B 261 6.33 16.97 22.43
C GLN B 261 6.73 15.62 23.03
N LEU B 262 6.50 14.55 22.30
CA LEU B 262 6.81 13.21 22.78
C LEU B 262 8.28 13.02 23.10
N ILE B 263 9.16 13.45 22.20
CA ILE B 263 10.59 13.32 22.40
C ILE B 263 11.01 14.12 23.65
N GLY B 264 10.43 15.31 23.81
CA GLY B 264 10.75 16.13 24.97
C GLY B 264 10.35 15.48 26.28
N ASP B 265 9.09 15.06 26.40
CA ASP B 265 8.58 14.43 27.63
C ASP B 265 9.45 13.25 28.04
N TYR B 266 9.86 12.45 27.08
CA TYR B 266 10.67 11.28 27.36
C TYR B 266 11.97 11.68 28.05
N LEU B 267 12.73 12.55 27.38
CA LEU B 267 14.00 13.03 27.92
C LEU B 267 13.77 13.76 29.24
N LYS B 268 12.79 14.65 29.25
CA LYS B 268 12.46 15.43 30.43
C LYS B 268 12.30 14.51 31.63
N ALA B 269 11.75 13.34 31.38
CA ALA B 269 11.53 12.35 32.42
C ALA B 269 12.73 11.41 32.55
N HIS B 270 13.94 11.97 32.44
CA HIS B 270 15.16 11.18 32.55
C HIS B 270 16.36 12.06 32.89
N VAL B 271 16.14 13.38 32.93
CA VAL B 271 17.20 14.35 33.22
C VAL B 271 18.01 13.99 34.47
#